data_3SEE
#
_entry.id   3SEE
#
_cell.length_a   50.473
_cell.length_b   50.473
_cell.length_c   228.461
_cell.angle_alpha   90.000
_cell.angle_beta   90.000
_cell.angle_gamma   90.000
#
_symmetry.space_group_name_H-M   'P 43 2 2'
#
loop_
_entity.id
_entity.type
_entity.pdbx_description
1 polymer 'Hypothetical sugar binding protein'
2 non-polymer 'SODIUM ION'
3 water water
#
_entity_poly.entity_id   1
_entity_poly.type   'polypeptide(L)'
_entity_poly.pdbx_seq_one_letter_code
;GAGVSISAQNLIKNEKFATEVTNKVTNPSKATAGEWFI(MSE)NNEADGVTTIAWEQTGDAKYPNA(MSE)KIDNSGAEK
NTSWYKAFLGQRITDGLEKGIYVLTFYAKAKEAGTPVSVYIKQTNEEKNDNGKLNTTFF(MSE)RRDYDADAQPNASGAQ
YNFKIKDADKWTKVVVYYD(MSE)GQVVNAISSKKSNPALEVSDTDDDAAILKDCYVAILGQNKGGVVEISDVTLKKK
;
_entity_poly.pdbx_strand_id   A
#
loop_
_chem_comp.id
_chem_comp.type
_chem_comp.name
_chem_comp.formula
NA non-polymer 'SODIUM ION' 'Na 1'
#
# COMPACT_ATOMS: atom_id res chain seq x y z
N GLN A 9 10.97 10.53 -12.33
CA GLN A 9 11.00 11.07 -10.93
C GLN A 9 10.22 10.20 -9.95
N ASN A 10 10.63 10.24 -8.70
CA ASN A 10 9.81 9.66 -7.63
C ASN A 10 8.52 10.46 -7.45
N LEU A 11 7.37 9.81 -7.55
CA LEU A 11 6.09 10.48 -7.43
CA LEU A 11 6.06 10.45 -7.41
C LEU A 11 5.64 10.61 -5.97
N ILE A 12 6.33 9.92 -5.07
CA ILE A 12 6.00 10.00 -3.64
C ILE A 12 6.81 11.13 -3.02
N LYS A 13 6.13 11.95 -2.23
CA LYS A 13 6.70 13.09 -1.51
CA LYS A 13 6.76 13.06 -1.54
C LYS A 13 7.04 12.69 -0.06
N ASN A 14 7.98 13.43 0.55
CA ASN A 14 8.47 13.12 1.90
C ASN A 14 8.83 11.64 1.98
N GLU A 15 9.61 11.20 1.01
CA GLU A 15 9.85 9.80 0.76
C GLU A 15 10.67 9.10 1.81
N LYS A 16 11.43 9.86 2.56
CA LYS A 16 12.25 9.31 3.64
CA LYS A 16 12.29 9.36 3.64
C LYS A 16 11.74 9.71 5.02
N PHE A 17 10.54 10.29 5.08
CA PHE A 17 9.94 10.67 6.36
C PHE A 17 10.80 11.65 7.12
N ALA A 18 11.58 12.44 6.39
CA ALA A 18 12.38 13.47 7.04
C ALA A 18 11.53 14.51 7.75
N THR A 19 10.32 14.77 7.23
CA THR A 19 9.32 15.59 7.89
C THR A 19 8.39 14.68 8.69
N GLU A 20 8.17 15.00 9.98
CA GLU A 20 7.29 14.24 10.83
C GLU A 20 5.88 14.15 10.23
N VAL A 21 5.31 12.95 10.31
CA VAL A 21 3.96 12.67 9.82
C VAL A 21 3.05 12.39 11.00
N THR A 22 2.03 13.23 11.17
CA THR A 22 1.02 13.03 12.21
C THR A 22 -0.41 13.09 11.68
N ASN A 23 -0.59 13.58 10.46
CA ASN A 23 -1.95 13.75 9.94
CA ASN A 23 -1.89 13.75 9.80
C ASN A 23 -2.71 12.45 9.76
N LYS A 24 -3.83 12.40 10.46
CA LYS A 24 -4.75 11.30 10.40
C LYS A 24 -5.98 11.72 9.64
N VAL A 25 -6.51 10.84 8.80
CA VAL A 25 -7.80 11.06 8.18
C VAL A 25 -8.69 9.88 8.49
N THR A 26 -10.00 10.08 8.39
CA THR A 26 -10.95 9.00 8.56
C THR A 26 -11.36 8.37 7.24
N ASN A 27 -11.03 9.02 6.14
CA ASN A 27 -11.25 8.45 4.80
C ASN A 27 -10.22 9.09 3.87
N PRO A 28 -9.60 8.29 2.99
CA PRO A 28 -8.63 8.85 2.04
C PRO A 28 -9.17 10.01 1.20
N SER A 29 -10.48 10.07 0.98
CA SER A 29 -11.07 11.17 0.21
CA SER A 29 -11.12 11.16 0.24
C SER A 29 -10.80 12.53 0.84
N LYS A 30 -10.51 12.56 2.12
CA LYS A 30 -10.22 13.81 2.83
C LYS A 30 -8.75 14.10 2.95
N ALA A 31 -7.89 13.21 2.48
CA ALA A 31 -6.46 13.42 2.60
C ALA A 31 -5.96 14.48 1.62
N THR A 32 -5.03 15.31 2.05
CA THR A 32 -4.32 16.23 1.18
C THR A 32 -3.31 15.43 0.38
N ALA A 33 -3.32 15.60 -0.93
CA ALA A 33 -2.41 14.89 -1.79
C ALA A 33 -0.99 15.36 -1.61
N GLY A 34 -0.06 14.44 -1.90
CA GLY A 34 1.35 14.76 -1.83
C GLY A 34 1.95 14.79 -0.45
N GLU A 35 1.22 14.21 0.50
N GLU A 35 1.24 14.22 0.52
CA GLU A 35 1.60 14.14 1.90
CA GLU A 35 1.75 14.09 1.88
C GLU A 35 1.31 12.71 2.31
C GLU A 35 1.17 12.83 2.50
N TRP A 36 1.94 12.21 3.37
CA TRP A 36 1.49 10.99 3.99
C TRP A 36 0.30 11.24 4.91
N PHE A 37 -0.58 10.25 4.98
CA PHE A 37 -1.64 10.23 5.96
C PHE A 37 -1.67 8.92 6.70
N ILE A 38 -2.21 8.97 7.90
CA ILE A 38 -2.44 7.79 8.73
C ILE A 38 -3.90 7.43 8.69
N MSE A 39 -4.21 6.22 8.24
CA MSE A 39 -5.55 5.65 8.39
CA MSE A 39 -5.54 5.66 8.38
C MSE A 39 -5.50 4.65 9.53
O MSE A 39 -4.72 3.71 9.51
CB MSE A 39 -6.02 4.95 7.11
CB MSE A 39 -6.00 5.01 7.07
CG MSE A 39 -6.87 5.84 6.23
CG MSE A 39 -6.70 5.99 6.11
SE MSE A 39 -8.68 6.09 6.85
SE MSE A 39 -8.53 6.34 6.66
CE MSE A 39 -9.34 4.43 6.24
CE MSE A 39 -8.61 4.67 7.74
N ASN A 40 -6.33 4.88 10.55
CA ASN A 40 -6.50 3.93 11.63
C ASN A 40 -7.93 4.02 12.10
N ASN A 41 -8.79 3.27 11.42
CA ASN A 41 -10.18 3.12 11.77
C ASN A 41 -10.43 1.80 12.47
N GLU A 42 -9.40 1.06 12.83
CA GLU A 42 -9.56 -0.07 13.73
C GLU A 42 -10.00 0.47 15.10
N ALA A 43 -10.63 -0.38 15.88
CA ALA A 43 -11.06 -0.03 17.21
C ALA A 43 -9.89 0.53 18.02
N ASP A 44 -10.21 1.47 18.91
CA ASP A 44 -9.24 2.00 19.83
C ASP A 44 -8.47 0.87 20.50
N GLY A 45 -7.14 0.98 20.45
CA GLY A 45 -6.25 0.03 21.09
C GLY A 45 -5.73 -1.09 20.22
N VAL A 46 -6.26 -1.26 19.01
CA VAL A 46 -5.87 -2.38 18.15
C VAL A 46 -4.48 -2.17 17.53
N THR A 47 -4.24 -1.00 16.94
CA THR A 47 -2.97 -0.71 16.32
CA THR A 47 -2.99 -0.69 16.27
C THR A 47 -2.59 0.74 16.55
N THR A 48 -1.30 1.03 16.45
CA THR A 48 -0.81 2.40 16.47
C THR A 48 0.13 2.56 15.28
N ILE A 49 -0.14 3.58 14.47
CA ILE A 49 0.72 3.93 13.35
C ILE A 49 1.27 5.31 13.65
N ALA A 50 2.59 5.44 13.68
CA ALA A 50 3.21 6.67 14.10
C ALA A 50 4.59 6.84 13.50
N TRP A 51 5.00 8.10 13.37
CA TRP A 51 6.34 8.48 12.94
C TRP A 51 7.34 8.25 14.04
N GLU A 52 8.56 7.92 13.67
CA GLU A 52 9.64 7.69 14.64
CA GLU A 52 9.63 7.76 14.64
C GLU A 52 10.98 8.05 14.03
N GLN A 53 11.93 8.37 14.90
CA GLN A 53 13.34 8.40 14.55
C GLN A 53 13.95 7.09 15.06
N THR A 54 14.62 6.38 14.16
CA THR A 54 14.97 4.98 14.38
C THR A 54 16.32 4.76 15.08
N GLY A 55 17.22 5.73 14.97
CA GLY A 55 18.60 5.54 15.39
C GLY A 55 19.49 4.86 14.35
N ASP A 56 18.91 4.45 13.21
CA ASP A 56 19.67 3.78 12.15
CA ASP A 56 19.68 3.79 12.16
C ASP A 56 20.09 4.81 11.12
N ALA A 57 21.40 5.03 10.96
CA ALA A 57 21.86 6.09 10.08
C ALA A 57 21.46 5.91 8.64
N LYS A 58 21.27 4.66 8.21
CA LYS A 58 20.85 4.41 6.82
CA LYS A 58 20.85 4.43 6.82
C LYS A 58 19.36 4.73 6.58
N TYR A 59 18.53 4.64 7.63
CA TYR A 59 17.05 4.87 7.54
C TYR A 59 16.64 5.60 8.81
N PRO A 60 17.02 6.87 8.95
CA PRO A 60 16.92 7.49 10.27
CA PRO A 60 16.93 7.56 10.23
C PRO A 60 15.52 7.91 10.70
N ASN A 61 14.57 7.95 9.78
CA ASN A 61 13.17 8.24 10.10
C ASN A 61 12.32 7.17 9.42
N ALA A 62 11.20 6.83 10.03
CA ALA A 62 10.33 5.76 9.53
C ALA A 62 8.94 5.93 10.10
N MSE A 63 8.01 5.18 9.52
CA MSE A 63 6.69 4.99 10.11
C MSE A 63 6.64 3.61 10.72
O MSE A 63 7.12 2.64 10.10
CB MSE A 63 5.60 5.07 9.06
CG MSE A 63 5.57 6.42 8.33
SE MSE A 63 5.24 7.95 9.43
CE MSE A 63 3.48 7.51 10.08
N LYS A 64 6.08 3.48 11.91
CA LYS A 64 5.93 2.19 12.58
CA LYS A 64 5.93 2.19 12.58
C LYS A 64 4.45 1.83 12.64
N ILE A 65 4.13 0.64 12.18
CA ILE A 65 2.78 0.06 12.24
C ILE A 65 2.85 -1.02 13.32
N ASP A 66 2.31 -0.71 14.48
CA ASP A 66 2.46 -1.55 15.67
C ASP A 66 1.14 -2.22 16.01
N ASN A 67 1.02 -3.51 15.67
CA ASN A 67 -0.19 -4.30 15.96
C ASN A 67 -0.10 -5.11 17.25
N SER A 68 0.71 -4.64 18.19
CA SER A 68 0.77 -5.31 19.51
C SER A 68 -0.59 -5.43 20.20
N GLY A 69 -1.45 -4.44 20.04
CA GLY A 69 -2.77 -4.46 20.68
C GLY A 69 -3.81 -5.31 19.99
N ALA A 70 -3.49 -5.92 18.84
CA ALA A 70 -4.52 -6.54 18.03
C ALA A 70 -4.91 -7.97 18.50
N GLU A 71 -6.20 -8.25 18.52
CA GLU A 71 -6.69 -9.62 18.77
C GLU A 71 -6.86 -10.41 17.48
N LYS A 72 -6.87 -9.69 16.35
CA LYS A 72 -7.17 -10.24 15.03
CA LYS A 72 -6.98 -10.36 15.06
C LYS A 72 -6.33 -9.45 14.03
N ASN A 73 -6.09 -10.00 12.85
CA ASN A 73 -5.44 -9.22 11.80
C ASN A 73 -6.26 -7.97 11.50
N THR A 74 -5.58 -6.91 11.10
CA THR A 74 -6.27 -5.67 10.77
C THR A 74 -6.79 -5.67 9.35
N SER A 75 -7.80 -4.85 9.13
CA SER A 75 -8.54 -4.80 7.87
CA SER A 75 -8.51 -4.86 7.85
C SER A 75 -7.84 -3.96 6.82
N TRP A 76 -7.85 -4.41 5.57
CA TRP A 76 -7.16 -3.70 4.50
C TRP A 76 -7.64 -2.29 4.31
N TYR A 77 -8.91 -2.02 4.64
CA TYR A 77 -9.51 -0.71 4.42
C TYR A 77 -9.56 0.16 5.67
N LYS A 78 -9.04 -0.35 6.80
CA LYS A 78 -9.09 0.39 8.06
C LYS A 78 -7.76 0.95 8.54
N ALA A 79 -6.66 0.22 8.37
CA ALA A 79 -5.39 0.63 9.01
C ALA A 79 -4.25 0.53 7.99
N PHE A 80 -3.68 1.67 7.64
CA PHE A 80 -2.59 1.71 6.69
C PHE A 80 -1.94 3.09 6.67
N LEU A 81 -0.72 3.14 6.13
CA LEU A 81 -0.03 4.35 5.77
C LEU A 81 -0.36 4.67 4.33
N GLY A 82 -0.83 5.87 4.07
CA GLY A 82 -1.27 6.22 2.74
C GLY A 82 -0.66 7.48 2.16
N GLN A 83 -0.61 7.58 0.83
CA GLN A 83 -0.32 8.85 0.17
C GLN A 83 -1.13 8.95 -1.09
N ARG A 84 -1.93 10.02 -1.16
CA ARG A 84 -2.78 10.30 -2.31
C ARG A 84 -1.98 11.00 -3.40
N ILE A 85 -2.22 10.58 -4.63
CA ILE A 85 -1.50 11.10 -5.78
C ILE A 85 -2.49 11.65 -6.80
N THR A 86 -2.35 12.94 -7.08
CA THR A 86 -3.22 13.66 -8.02
C THR A 86 -2.43 14.28 -9.16
N ASP A 87 -1.19 13.87 -9.35
CA ASP A 87 -0.39 14.45 -10.43
C ASP A 87 -0.82 13.97 -11.82
N GLY A 88 -1.56 12.86 -11.88
CA GLY A 88 -2.04 12.32 -13.14
C GLY A 88 -1.07 11.27 -13.65
N LEU A 89 -1.42 10.01 -13.45
CA LEU A 89 -0.60 8.88 -13.87
C LEU A 89 -0.87 8.52 -15.32
N GLU A 90 0.04 7.75 -15.92
N GLU A 90 0.23 8.38 -16.05
N GLU A 90 0.09 7.85 -15.94
CA GLU A 90 -0.12 7.17 -17.27
CA GLU A 90 0.18 7.99 -17.44
CA GLU A 90 -0.02 7.37 -17.31
C GLU A 90 -0.53 5.69 -17.23
C GLU A 90 0.13 6.49 -17.38
C GLU A 90 -0.37 5.89 -17.31
N LYS A 91 -1.06 5.18 -18.34
N LYS A 91 -0.72 5.88 -18.19
N LYS A 91 -1.10 5.41 -18.30
CA LYS A 91 -1.31 3.74 -18.45
CA LYS A 91 -0.81 4.44 -18.27
CA LYS A 91 -1.20 3.98 -18.52
C LYS A 91 -0.05 2.92 -18.76
C LYS A 91 0.56 3.90 -18.61
C LYS A 91 0.19 3.47 -18.88
N GLY A 92 1.00 3.06 -17.96
N GLY A 92 0.84 2.71 -18.10
N GLY A 92 0.78 2.69 -17.98
CA GLY A 92 2.20 2.26 -18.15
CA GLY A 92 2.16 2.14 -18.22
CA GLY A 92 2.15 2.20 -18.16
C GLY A 92 2.48 1.40 -16.94
N ILE A 93 3.75 1.03 -16.80
CA ILE A 93 4.18 0.18 -15.68
C ILE A 93 4.98 1.05 -14.70
N TYR A 94 4.75 0.79 -13.41
CA TYR A 94 5.35 1.53 -12.32
C TYR A 94 5.92 0.55 -11.32
N VAL A 95 7.01 0.96 -10.67
CA VAL A 95 7.56 0.19 -9.56
C VAL A 95 7.39 0.94 -8.27
N LEU A 96 6.93 0.23 -7.25
CA LEU A 96 6.87 0.74 -5.90
C LEU A 96 7.92 0.01 -5.08
N THR A 97 8.82 0.75 -4.45
CA THR A 97 9.91 0.20 -3.63
CA THR A 97 9.74 0.11 -3.59
C THR A 97 9.93 0.89 -2.28
N PHE A 98 10.30 0.16 -1.25
CA PHE A 98 10.56 0.75 0.05
C PHE A 98 11.36 -0.22 0.89
N TYR A 99 11.79 0.21 2.05
CA TYR A 99 12.48 -0.66 2.98
C TYR A 99 11.59 -0.86 4.21
N ALA A 100 11.61 -2.08 4.74
CA ALA A 100 10.82 -2.46 5.87
C ALA A 100 11.64 -3.27 6.84
N LYS A 101 11.24 -3.19 8.10
CA LYS A 101 11.90 -3.86 9.23
CA LYS A 101 11.87 -3.99 9.14
C LYS A 101 10.81 -4.45 10.10
N ALA A 102 10.92 -5.72 10.49
CA ALA A 102 9.92 -6.39 11.31
C ALA A 102 10.51 -6.86 12.63
N LYS A 103 9.68 -6.86 13.67
CA LYS A 103 10.12 -7.32 14.98
C LYS A 103 10.30 -8.84 14.98
N GLU A 104 9.49 -9.55 14.20
CA GLU A 104 9.48 -11.02 14.15
CA GLU A 104 9.62 -11.00 14.13
C GLU A 104 9.78 -11.47 12.71
N ALA A 105 10.69 -12.41 12.54
CA ALA A 105 10.92 -13.07 11.27
C ALA A 105 9.61 -13.58 10.66
N GLY A 106 9.42 -13.39 9.35
CA GLY A 106 8.26 -13.90 8.66
C GLY A 106 7.07 -12.95 8.61
N THR A 107 7.17 -11.79 9.24
CA THR A 107 6.05 -10.84 9.23
C THR A 107 5.85 -10.27 7.85
N PRO A 108 4.61 -10.29 7.33
CA PRO A 108 4.39 -9.68 6.01
C PRO A 108 4.20 -8.18 6.04
N VAL A 109 4.60 -7.55 4.95
CA VAL A 109 4.25 -6.19 4.65
C VAL A 109 3.59 -6.18 3.27
N SER A 110 2.70 -5.21 3.06
CA SER A 110 1.77 -5.27 1.96
C SER A 110 1.53 -3.90 1.36
N VAL A 111 1.02 -3.93 0.14
CA VAL A 111 0.79 -2.75 -0.69
CA VAL A 111 0.68 -2.69 -0.55
C VAL A 111 -0.50 -2.93 -1.50
N TYR A 112 -1.24 -1.86 -1.75
CA TYR A 112 -2.19 -1.78 -2.86
C TYR A 112 -2.26 -0.31 -3.29
N ILE A 113 -2.84 -0.08 -4.46
CA ILE A 113 -2.98 1.27 -5.00
C ILE A 113 -4.41 1.37 -5.53
N LYS A 114 -5.20 2.24 -4.88
CA LYS A 114 -6.66 2.26 -5.04
C LYS A 114 -7.15 3.64 -5.47
N GLN A 115 -8.25 3.62 -6.22
CA GLN A 115 -8.99 4.82 -6.56
C GLN A 115 -9.50 5.54 -5.31
N THR A 116 -9.31 6.87 -5.26
CA THR A 116 -9.71 7.63 -4.06
C THR A 116 -11.23 7.76 -3.93
N ASN A 117 -11.86 8.23 -5.00
CA ASN A 117 -13.28 8.56 -4.97
C ASN A 117 -14.04 7.65 -5.93
N GLU A 118 -14.67 6.63 -5.35
CA GLU A 118 -15.35 5.57 -6.09
C GLU A 118 -16.80 5.90 -6.32
N GLU A 119 -17.32 5.37 -7.42
CA GLU A 119 -18.77 5.44 -7.65
CA GLU A 119 -18.75 5.37 -7.78
C GLU A 119 -19.41 4.19 -7.09
N LYS A 120 -20.74 4.22 -7.01
CA LYS A 120 -21.51 3.06 -6.59
CA LYS A 120 -21.49 3.05 -6.58
C LYS A 120 -22.00 2.29 -7.81
N ASN A 121 -22.16 0.98 -7.68
CA ASN A 121 -22.65 0.18 -8.78
C ASN A 121 -24.17 0.19 -8.79
N ASP A 122 -24.76 -0.48 -9.79
CA ASP A 122 -26.21 -0.55 -9.95
C ASP A 122 -26.91 -1.01 -8.67
N ASN A 123 -26.28 -1.95 -7.95
CA ASN A 123 -26.84 -2.50 -6.70
C ASN A 123 -26.55 -1.69 -5.41
N GLY A 124 -25.96 -0.49 -5.54
CA GLY A 124 -25.79 0.43 -4.39
C GLY A 124 -24.51 0.32 -3.56
N LYS A 125 -23.62 -0.60 -3.94
CA LYS A 125 -22.39 -0.85 -3.18
C LYS A 125 -21.27 -0.04 -3.81
N LEU A 126 -20.40 0.54 -3.00
CA LEU A 126 -19.23 1.27 -3.55
C LEU A 126 -18.35 0.32 -4.35
N ASN A 127 -17.93 0.77 -5.52
CA ASN A 127 -16.88 0.07 -6.26
C ASN A 127 -15.56 0.08 -5.47
N THR A 128 -14.73 -0.91 -5.78
CA THR A 128 -13.36 -0.99 -5.24
C THR A 128 -12.45 -1.23 -6.44
N THR A 129 -11.76 -0.18 -6.87
CA THR A 129 -10.98 -0.18 -8.10
C THR A 129 -9.50 -0.04 -7.78
N PHE A 130 -8.69 -0.98 -8.24
CA PHE A 130 -7.26 -1.04 -7.89
C PHE A 130 -6.44 -1.20 -9.16
N PHE A 131 -5.22 -0.66 -9.18
CA PHE A 131 -4.28 -1.07 -10.23
C PHE A 131 -3.83 -2.52 -10.00
N MSE A 132 -3.65 -3.25 -11.09
CA MSE A 132 -3.27 -4.64 -11.02
C MSE A 132 -1.79 -4.82 -10.75
O MSE A 132 -0.95 -4.24 -11.45
CB MSE A 132 -3.63 -5.32 -12.34
CG MSE A 132 -3.54 -6.86 -12.27
SE MSE A 132 -3.70 -7.70 -14.01
CE MSE A 132 -1.82 -7.68 -14.52
N ARG A 133 -1.46 -5.69 -9.81
CA ARG A 133 -0.07 -6.00 -9.66
CA ARG A 133 -0.08 -6.20 -9.64
C ARG A 133 0.38 -6.78 -10.93
N ARG A 134 1.54 -6.42 -11.43
CA ARG A 134 1.93 -6.84 -12.75
C ARG A 134 2.03 -8.35 -12.92
N ASP A 135 2.45 -9.04 -11.86
CA ASP A 135 2.60 -10.48 -11.89
CA ASP A 135 2.61 -10.48 -11.89
C ASP A 135 1.30 -11.24 -11.64
N TYR A 136 0.17 -10.55 -11.52
CA TYR A 136 -1.09 -11.28 -11.28
C TYR A 136 -1.49 -12.10 -12.49
N ASP A 137 -1.87 -13.33 -12.20
CA ASP A 137 -2.46 -14.24 -13.20
C ASP A 137 -3.56 -15.01 -12.48
N ALA A 138 -4.82 -14.71 -12.80
CA ALA A 138 -5.97 -15.28 -12.06
C ALA A 138 -6.08 -16.77 -12.23
N ASP A 139 -5.62 -17.26 -13.38
CA ASP A 139 -5.67 -18.70 -13.67
C ASP A 139 -4.64 -19.46 -12.85
N ALA A 140 -3.41 -18.94 -12.79
CA ALA A 140 -2.31 -19.55 -12.06
C ALA A 140 -2.34 -19.30 -10.54
N GLN A 141 -3.05 -18.24 -10.14
CA GLN A 141 -3.08 -17.78 -8.75
CA GLN A 141 -3.07 -17.76 -8.76
C GLN A 141 -4.52 -17.61 -8.29
N PRO A 142 -5.29 -18.71 -8.28
CA PRO A 142 -6.71 -18.59 -7.98
C PRO A 142 -7.03 -18.05 -6.59
N ASN A 143 -6.10 -18.21 -5.63
CA ASN A 143 -6.33 -17.77 -4.28
C ASN A 143 -5.66 -16.46 -3.88
N ALA A 144 -5.00 -15.81 -4.83
CA ALA A 144 -4.28 -14.58 -4.56
C ALA A 144 -5.10 -13.33 -4.91
N SER A 145 -4.84 -12.23 -4.22
CA SER A 145 -5.35 -10.94 -4.68
C SER A 145 -4.64 -10.50 -5.96
N GLY A 146 -5.38 -9.86 -6.84
CA GLY A 146 -4.81 -9.20 -7.99
C GLY A 146 -4.38 -7.77 -7.72
N ALA A 147 -4.80 -7.24 -6.57
CA ALA A 147 -4.58 -5.85 -6.18
C ALA A 147 -3.50 -5.70 -5.12
N GLN A 148 -3.61 -6.51 -4.08
CA GLN A 148 -2.70 -6.41 -2.95
C GLN A 148 -1.51 -7.36 -3.15
N TYR A 149 -0.34 -6.78 -2.91
CA TYR A 149 0.93 -7.50 -2.90
C TYR A 149 1.37 -7.67 -1.45
N ASN A 150 1.80 -8.88 -1.12
CA ASN A 150 2.32 -9.20 0.21
C ASN A 150 3.73 -9.73 0.08
N PHE A 151 4.60 -9.34 1.01
CA PHE A 151 5.98 -9.82 1.02
C PHE A 151 6.38 -10.17 2.44
N LYS A 152 6.83 -11.40 2.63
CA LYS A 152 7.32 -11.81 3.95
CA LYS A 152 7.32 -11.87 3.89
C LYS A 152 8.71 -11.29 4.18
N ILE A 153 8.87 -10.59 5.28
CA ILE A 153 10.17 -10.08 5.73
CA ILE A 153 10.17 -10.08 5.72
C ILE A 153 10.88 -11.23 6.42
N LYS A 154 11.94 -11.74 5.83
CA LYS A 154 12.46 -13.02 6.25
CA LYS A 154 12.55 -13.00 6.21
C LYS A 154 13.15 -12.96 7.60
N ASP A 155 13.87 -11.90 7.88
CA ASP A 155 14.67 -11.77 9.10
C ASP A 155 14.09 -10.70 10.00
N ALA A 156 14.21 -10.89 11.31
CA ALA A 156 13.87 -9.86 12.28
C ALA A 156 14.93 -8.78 12.37
N ASP A 157 14.49 -7.56 12.62
CA ASP A 157 15.37 -6.47 12.98
CA ASP A 157 15.34 -6.44 12.97
C ASP A 157 16.38 -6.12 11.90
N LYS A 158 15.96 -6.28 10.64
CA LYS A 158 16.82 -6.02 9.51
CA LYS A 158 16.83 -6.02 9.50
C LYS A 158 16.07 -5.28 8.41
N TRP A 159 16.57 -4.12 8.02
CA TRP A 159 15.96 -3.36 6.93
C TRP A 159 16.06 -4.16 5.65
N THR A 160 14.93 -4.33 4.97
CA THR A 160 14.75 -5.25 3.86
C THR A 160 14.04 -4.55 2.74
N LYS A 161 14.56 -4.70 1.52
CA LYS A 161 13.98 -4.06 0.36
CA LYS A 161 13.97 -4.04 0.37
C LYS A 161 12.69 -4.76 -0.05
N VAL A 162 11.66 -3.98 -0.29
CA VAL A 162 10.38 -4.47 -0.76
C VAL A 162 10.18 -3.84 -2.14
N VAL A 163 9.84 -4.66 -3.15
CA VAL A 163 9.73 -4.20 -4.54
CA VAL A 163 9.71 -4.14 -4.49
C VAL A 163 8.53 -4.85 -5.18
N VAL A 164 7.67 -4.07 -5.82
CA VAL A 164 6.55 -4.63 -6.57
C VAL A 164 6.26 -3.74 -7.76
N TYR A 165 6.04 -4.39 -8.92
CA TYR A 165 5.58 -3.68 -10.11
C TYR A 165 4.07 -3.75 -10.24
N TYR A 166 3.52 -2.61 -10.62
CA TYR A 166 2.11 -2.48 -10.95
C TYR A 166 1.94 -2.08 -12.41
N ASP A 167 0.81 -2.48 -12.99
CA ASP A 167 0.44 -2.05 -14.34
C ASP A 167 -0.71 -1.05 -14.21
N MSE A 168 -0.39 0.23 -14.35
CA MSE A 168 -1.45 1.25 -14.31
C MSE A 168 -2.37 1.17 -15.52
O MSE A 168 -3.44 1.80 -15.52
CB MSE A 168 -0.83 2.64 -14.16
CG MSE A 168 -0.50 3.04 -12.74
SE MSE A 168 0.44 1.67 -11.71
CE MSE A 168 0.85 2.83 -10.27
N GLY A 169 -1.97 0.42 -16.55
CA GLY A 169 -2.83 0.10 -17.65
C GLY A 169 -3.86 -0.99 -17.44
N GLN A 170 -3.89 -1.63 -16.26
CA GLN A 170 -4.90 -2.61 -15.94
C GLN A 170 -5.43 -2.38 -14.55
N VAL A 171 -6.73 -2.56 -14.39
CA VAL A 171 -7.38 -2.46 -13.11
C VAL A 171 -8.10 -3.75 -12.77
N VAL A 172 -8.29 -3.97 -11.48
CA VAL A 172 -9.09 -5.06 -10.96
CA VAL A 172 -9.11 -5.06 -10.94
C VAL A 172 -10.19 -4.47 -10.06
N ASN A 173 -11.37 -5.07 -10.09
CA ASN A 173 -12.56 -4.54 -9.45
C ASN A 173 -12.79 -5.11 -8.06
N ALA A 174 -11.76 -5.71 -7.46
CA ALA A 174 -11.87 -6.26 -6.10
C ALA A 174 -10.49 -6.58 -5.60
N ILE A 175 -10.37 -6.66 -4.28
CA ILE A 175 -9.15 -7.08 -3.63
C ILE A 175 -9.12 -8.59 -3.36
N SER A 176 -10.29 -9.21 -3.51
CA SER A 176 -10.45 -10.62 -3.21
C SER A 176 -9.85 -11.52 -4.30
N SER A 177 -9.66 -12.77 -3.94
CA SER A 177 -9.21 -13.77 -4.91
C SER A 177 -10.26 -14.09 -5.94
N LYS A 178 -9.80 -14.60 -7.07
CA LYS A 178 -10.72 -15.06 -8.12
C LYS A 178 -11.58 -16.21 -7.60
N LYS A 179 -10.99 -17.20 -6.94
CA LYS A 179 -11.76 -18.37 -6.48
CA LYS A 179 -11.77 -18.36 -6.51
C LYS A 179 -12.91 -17.93 -5.59
N SER A 180 -12.65 -16.93 -4.75
CA SER A 180 -13.68 -16.47 -3.80
C SER A 180 -14.74 -15.58 -4.43
N ASN A 181 -14.52 -15.11 -5.66
CA ASN A 181 -15.29 -14.00 -6.22
C ASN A 181 -15.57 -14.17 -7.70
N PRO A 182 -16.70 -14.79 -8.05
CA PRO A 182 -17.05 -14.96 -9.47
C PRO A 182 -17.31 -13.68 -10.23
N ALA A 183 -17.42 -12.56 -9.51
CA ALA A 183 -17.59 -11.24 -10.12
C ALA A 183 -16.28 -10.50 -10.36
N LEU A 184 -15.14 -11.08 -10.00
CA LEU A 184 -13.86 -10.41 -10.17
CA LEU A 184 -13.85 -10.42 -10.17
C LEU A 184 -13.59 -10.22 -11.67
N GLU A 185 -13.16 -9.01 -12.04
CA GLU A 185 -12.82 -8.64 -13.39
C GLU A 185 -11.54 -7.83 -13.43
N VAL A 186 -10.65 -8.22 -14.35
CA VAL A 186 -9.49 -7.46 -14.74
C VAL A 186 -9.85 -6.79 -16.06
N SER A 187 -9.55 -5.52 -16.20
CA SER A 187 -9.83 -4.79 -17.42
C SER A 187 -8.73 -3.78 -17.74
N ASP A 188 -8.66 -3.38 -18.99
CA ASP A 188 -7.72 -2.35 -19.37
C ASP A 188 -8.23 -1.00 -18.87
N THR A 189 -7.34 -0.23 -18.25
CA THR A 189 -7.70 1.07 -17.71
C THR A 189 -8.11 1.98 -18.86
N ASP A 190 -9.23 2.66 -18.74
CA ASP A 190 -9.62 3.63 -19.74
CA ASP A 190 -9.62 3.65 -19.74
C ASP A 190 -8.65 4.81 -19.70
N ASP A 191 -8.37 5.41 -20.86
CA ASP A 191 -7.52 6.58 -20.90
C ASP A 191 -8.01 7.68 -19.95
N ASP A 192 -9.31 7.80 -19.77
CA ASP A 192 -9.88 8.84 -18.91
C ASP A 192 -10.30 8.35 -17.54
N ALA A 193 -9.79 7.19 -17.09
CA ALA A 193 -10.22 6.63 -15.84
C ALA A 193 -9.91 7.57 -14.68
N ALA A 194 -10.86 7.65 -13.76
CA ALA A 194 -10.70 8.45 -12.56
C ALA A 194 -9.48 8.03 -11.74
N ILE A 195 -9.19 6.73 -11.69
CA ILE A 195 -8.11 6.25 -10.86
C ILE A 195 -6.76 6.86 -11.25
N LEU A 196 -6.56 7.13 -12.54
CA LEU A 196 -5.31 7.71 -12.99
C LEU A 196 -5.10 9.11 -12.44
N LYS A 197 -6.18 9.86 -12.24
CA LYS A 197 -6.11 11.24 -11.77
C LYS A 197 -6.15 11.39 -10.27
N ASP A 198 -6.61 10.36 -9.54
CA ASP A 198 -6.78 10.49 -8.10
C ASP A 198 -6.83 9.09 -7.47
N CYS A 199 -5.69 8.69 -6.93
CA CYS A 199 -5.57 7.39 -6.30
C CYS A 199 -4.69 7.55 -5.06
N TYR A 200 -4.52 6.46 -4.31
CA TYR A 200 -3.57 6.49 -3.21
C TYR A 200 -2.84 5.17 -3.11
N VAL A 201 -1.57 5.28 -2.74
CA VAL A 201 -0.80 4.13 -2.30
C VAL A 201 -1.11 3.84 -0.84
N ALA A 202 -1.34 2.57 -0.51
CA ALA A 202 -1.53 2.08 0.85
C ALA A 202 -0.42 1.07 1.15
N ILE A 203 0.28 1.27 2.26
CA ILE A 203 1.27 0.34 2.77
C ILE A 203 0.75 -0.16 4.12
N LEU A 204 0.72 -1.48 4.30
CA LEU A 204 0.05 -2.12 5.42
CA LEU A 204 0.09 -2.00 5.48
C LEU A 204 0.89 -3.20 6.01
N GLY A 205 0.66 -3.49 7.28
CA GLY A 205 1.19 -4.68 7.94
C GLY A 205 0.10 -5.21 8.84
N GLN A 206 -0.67 -6.17 8.33
CA GLN A 206 -1.94 -6.55 8.93
C GLN A 206 -1.84 -7.60 10.01
N ASN A 207 -0.73 -8.33 10.11
CA ASN A 207 -0.73 -9.47 11.01
C ASN A 207 -0.85 -9.05 12.46
N LYS A 208 -1.72 -9.77 13.18
CA LYS A 208 -1.91 -9.62 14.62
CA LYS A 208 -1.90 -9.51 14.61
C LYS A 208 -0.56 -9.71 15.33
N GLY A 209 -0.26 -8.79 16.24
CA GLY A 209 0.94 -8.87 17.05
C GLY A 209 2.22 -8.43 16.40
N GLY A 210 2.18 -8.17 15.10
CA GLY A 210 3.38 -7.79 14.35
C GLY A 210 3.69 -6.32 14.50
N VAL A 211 4.95 -5.97 14.25
CA VAL A 211 5.39 -4.61 14.25
C VAL A 211 6.27 -4.43 13.04
N VAL A 212 5.87 -3.55 12.13
CA VAL A 212 6.60 -3.29 10.87
C VAL A 212 6.94 -1.80 10.80
N GLU A 213 8.17 -1.50 10.44
CA GLU A 213 8.63 -0.14 10.20
C GLU A 213 8.94 0.04 8.71
N ILE A 214 8.61 1.23 8.21
CA ILE A 214 8.65 1.53 6.79
CA ILE A 214 8.65 1.54 6.79
C ILE A 214 9.47 2.79 6.56
N SER A 215 10.37 2.75 5.58
CA SER A 215 11.14 3.93 5.24
C SER A 215 11.52 3.94 3.76
N ASP A 216 11.83 5.13 3.21
CA ASP A 216 12.45 5.33 1.90
CA ASP A 216 12.51 5.28 1.91
C ASP A 216 11.63 4.72 0.77
N VAL A 217 10.51 5.37 0.50
CA VAL A 217 9.53 4.89 -0.45
C VAL A 217 9.66 5.57 -1.79
N THR A 218 9.62 4.78 -2.86
CA THR A 218 9.70 5.27 -4.24
CA THR A 218 9.62 5.36 -4.19
C THR A 218 8.54 4.73 -5.07
N LEU A 219 7.93 5.58 -5.87
CA LEU A 219 7.01 5.13 -6.92
C LEU A 219 7.51 5.79 -8.21
N LYS A 220 7.83 4.98 -9.21
CA LYS A 220 8.47 5.49 -10.44
CA LYS A 220 8.48 5.49 -10.41
C LYS A 220 7.93 4.77 -11.64
N LYS A 221 7.74 5.52 -12.72
CA LYS A 221 7.35 4.95 -14.00
C LYS A 221 8.56 4.24 -14.61
N LYS A 222 8.33 3.05 -15.15
CA LYS A 222 9.44 2.27 -15.73
CA LYS A 222 9.38 2.20 -15.71
C LYS A 222 9.16 1.90 -17.16
NA NA B . -3.35 2.60 18.98
#